data_5GT4
#
_entry.id   5GT4
#
_cell.length_a   44.663
_cell.length_b   51.842
_cell.length_c   131.475
_cell.angle_alpha   90.000
_cell.angle_beta   90.000
_cell.angle_gamma   90.000
#
_symmetry.space_group_name_H-M   'P 21 21 21'
#
loop_
_entity.id
_entity.type
_entity.pdbx_description
1 polymer 'Vitamin D3 receptor'
2 non-polymer 4-{[(1R,2S,3R,5Z,7E,14beta,17alpha)-1,3,25-trihydroxy-9,10-secocholesta-5,7,10-trien-2-yl]oxy}butanenitrile
3 water water
#
_entity_poly.entity_id   1
_entity_poly.type   'polypeptide(L)'
_entity_poly.pdbx_seq_one_letter_code
;DSLRPKLSEEQQRIIAILLDAHHKTYDPTYSDFCQFRPPVRVNDGGGSVTLELSQLSMLPHLADLVSYSIQKVIGFAKMI
PGFRDLTSEDQIVLLKSSAIEVIMLRSNESFTMDDMSWTCGNQDYKYRVSDVTKAGHSLELIEPLIKFQVGLKKLNLHEE
EHVLLMAICIVSPDRPGVQDAALIEAIQDRLSNTLQTYIRCRHPPPGSHLLYAKMIQKLADLRSLNEEHSKQYRCLSFQP
ECSMKLTPLVLEVFG
;
_entity_poly.pdbx_strand_id   A
#
# COMPACT_ATOMS: atom_id res chain seq x y z
N ASP A 1 35.33 4.88 0.71
CA ASP A 1 34.99 5.91 1.71
C ASP A 1 33.78 5.49 2.52
N SER A 2 32.60 5.57 1.93
CA SER A 2 31.44 4.82 2.40
C SER A 2 31.44 4.43 3.88
N LEU A 3 31.21 5.39 4.79
CA LEU A 3 31.09 5.06 6.25
C LEU A 3 29.84 4.26 6.52
N ARG A 4 29.90 3.43 7.55
CA ARG A 4 28.79 2.56 7.90
C ARG A 4 28.45 2.65 9.38
N PRO A 5 27.89 3.80 9.79
CA PRO A 5 27.51 3.84 11.22
C PRO A 5 26.63 2.65 11.56
N LYS A 6 26.81 2.15 12.74
CA LYS A 6 25.95 1.10 13.26
C LYS A 6 24.58 1.67 13.60
N LEU A 7 23.53 0.83 13.55
CA LEU A 7 22.25 1.28 14.01
C LEU A 7 22.30 1.64 15.47
N SER A 8 21.73 2.78 15.84
CA SER A 8 21.63 3.19 17.22
C SER A 8 20.64 2.30 17.98
N GLU A 9 20.70 2.39 19.32
N GLU A 9 20.63 2.31 19.31
CA GLU A 9 19.72 1.75 20.20
CA GLU A 9 19.63 1.51 20.04
C GLU A 9 18.31 2.03 19.70
C GLU A 9 18.19 2.02 19.78
N GLU A 10 18.03 3.32 19.59
CA GLU A 10 16.74 3.87 19.19
C GLU A 10 16.32 3.38 17.80
N GLN A 11 17.24 3.36 16.86
CA GLN A 11 16.93 2.83 15.50
C GLN A 11 16.61 1.37 15.51
N GLN A 12 17.37 0.61 16.30
CA GLN A 12 17.01 -0.78 16.51
C GLN A 12 15.62 -0.92 17.12
N ARG A 13 15.26 -0.09 18.10
CA ARG A 13 13.90 -0.13 18.65
C ARG A 13 12.84 0.25 17.62
N ILE A 14 13.12 1.27 16.81
CA ILE A 14 12.18 1.64 15.72
C ILE A 14 11.92 0.43 14.79
N ILE A 15 12.96 -0.24 14.34
CA ILE A 15 12.79 -1.44 13.50
C ILE A 15 11.98 -2.54 14.17
N ALA A 16 12.31 -2.90 15.41
CA ALA A 16 11.52 -3.90 16.11
C ALA A 16 10.03 -3.50 16.28
N ILE A 17 9.73 -2.24 16.57
CA ILE A 17 8.35 -1.77 16.70
C ILE A 17 7.59 -1.92 15.36
N LEU A 18 8.29 -1.57 14.28
CA LEU A 18 7.66 -1.62 12.93
C LEU A 18 7.42 -3.04 12.51
N LEU A 19 8.36 -3.91 12.81
CA LEU A 19 8.17 -5.33 12.47
C LEU A 19 7.00 -5.92 13.24
N ASP A 20 6.95 -5.65 14.52
CA ASP A 20 5.85 -6.03 15.41
C ASP A 20 4.53 -5.46 14.92
N ALA A 21 4.50 -4.17 14.59
CA ALA A 21 3.28 -3.55 14.02
C ALA A 21 2.78 -4.26 12.77
N HIS A 22 3.71 -4.52 11.84
CA HIS A 22 3.37 -5.29 10.68
C HIS A 22 2.85 -6.68 10.94
N HIS A 23 3.53 -7.43 11.80
CA HIS A 23 3.07 -8.79 12.07
C HIS A 23 1.70 -8.85 12.75
N LYS A 24 1.36 -7.80 13.51
CA LYS A 24 0.05 -7.69 14.16
C LYS A 24 -1.06 -7.30 13.19
N THR A 25 -0.70 -6.75 12.04
CA THR A 25 -1.65 -6.12 11.08
C THR A 25 -1.66 -6.67 9.65
N TYR A 26 -0.83 -7.65 9.40
CA TYR A 26 -0.77 -8.35 8.14
C TYR A 26 -0.74 -9.84 8.41
N ASP A 27 -1.88 -10.52 8.20
CA ASP A 27 -1.97 -11.99 8.38
C ASP A 27 -1.49 -12.70 7.11
N PRO A 28 -0.29 -13.37 7.14
CA PRO A 28 0.22 -13.93 5.92
C PRO A 28 -0.52 -15.23 5.54
N THR A 29 -1.50 -15.67 6.33
CA THR A 29 -2.34 -16.84 5.95
C THR A 29 -3.68 -16.46 5.29
N TYR A 30 -3.99 -15.20 5.28
CA TYR A 30 -5.14 -14.72 4.48
C TYR A 30 -6.42 -15.29 5.05
N SER A 31 -6.48 -15.51 6.37
CA SER A 31 -7.55 -16.31 6.92
C SER A 31 -8.88 -15.54 7.07
N ASP A 32 -8.84 -14.24 6.96
CA ASP A 32 -10.07 -13.44 7.01
C ASP A 32 -10.83 -13.27 5.66
N PHE A 33 -10.27 -13.77 4.57
CA PHE A 33 -10.83 -13.56 3.25
C PHE A 33 -12.19 -14.22 3.02
N CYS A 34 -12.47 -15.26 3.79
CA CYS A 34 -13.79 -15.87 3.73
C CYS A 34 -14.88 -14.95 4.34
N GLN A 35 -14.49 -13.90 5.04
CA GLN A 35 -15.45 -12.99 5.65
C GLN A 35 -15.91 -11.92 4.67
N PHE A 36 -15.18 -11.75 3.57
CA PHE A 36 -15.57 -10.74 2.60
C PHE A 36 -16.74 -11.21 1.75
N ARG A 37 -17.51 -10.26 1.20
CA ARG A 37 -18.45 -10.64 0.11
C ARG A 37 -17.71 -11.46 -0.94
N PRO A 38 -18.34 -12.53 -1.47
CA PRO A 38 -17.55 -13.43 -2.26
C PRO A 38 -17.16 -12.84 -3.61
N PRO A 39 -16.04 -13.29 -4.16
CA PRO A 39 -15.68 -12.95 -5.54
C PRO A 39 -16.72 -13.51 -6.48
N VAL A 40 -17.06 -12.75 -7.51
CA VAL A 40 -17.83 -13.26 -8.63
C VAL A 40 -17.09 -12.87 -9.91
N ARG A 41 -16.92 -13.83 -10.80
CA ARG A 41 -16.17 -13.58 -12.03
C ARG A 41 -17.06 -13.84 -13.24
N VAL A 42 -17.72 -12.78 -13.74
CA VAL A 42 -18.59 -12.96 -14.93
C VAL A 42 -17.72 -13.24 -16.17
N ASN A 43 -18.31 -13.80 -17.22
CA ASN A 43 -17.54 -14.04 -18.44
C ASN A 43 -17.24 -12.73 -19.23
N ASP A 44 -15.95 -12.41 -19.38
CA ASP A 44 -15.58 -11.14 -19.96
C ASP A 44 -14.19 -11.22 -20.62
N GLY A 45 -13.92 -12.29 -21.36
CA GLY A 45 -12.62 -12.33 -22.09
C GLY A 45 -12.39 -11.10 -23.00
N GLY A 46 -13.46 -10.45 -23.42
CA GLY A 46 -13.40 -9.26 -24.30
C GLY A 46 -12.61 -8.00 -23.92
N GLY A 47 -12.09 -7.86 -22.72
CA GLY A 47 -12.85 -7.89 -21.52
C GLY A 47 -12.89 -6.42 -21.06
N SER A 48 -14.84 -6.13 -21.89
CA SER A 48 -15.88 -5.15 -22.28
C SER A 48 -16.11 -4.16 -21.16
N VAL A 49 -15.75 -2.88 -21.38
CA VAL A 49 -15.98 -1.88 -20.34
C VAL A 49 -17.48 -1.81 -19.98
N THR A 50 -18.38 -1.86 -20.99
CA THR A 50 -19.84 -1.81 -20.77
C THR A 50 -20.34 -2.89 -19.87
N LEU A 51 -19.90 -4.11 -20.15
CA LEU A 51 -20.21 -5.25 -19.30
C LEU A 51 -19.61 -5.12 -17.92
N GLU A 52 -18.33 -4.75 -17.83
CA GLU A 52 -17.67 -4.63 -16.50
C GLU A 52 -18.44 -3.63 -15.60
N LEU A 53 -18.86 -2.53 -16.19
CA LEU A 53 -19.57 -1.50 -15.44
C LEU A 53 -21.00 -1.94 -15.16
N SER A 54 -21.62 -2.68 -16.06
CA SER A 54 -22.95 -3.19 -15.79
C SER A 54 -23.01 -4.12 -14.56
N GLN A 55 -22.03 -5.02 -14.46
CA GLN A 55 -22.04 -6.05 -13.42
C GLN A 55 -21.24 -5.64 -12.12
N LEU A 56 -20.09 -5.02 -12.33
CA LEU A 56 -19.08 -4.78 -11.30
C LEU A 56 -18.94 -5.99 -10.40
N SER A 57 -18.82 -7.16 -10.99
CA SER A 57 -18.91 -8.42 -10.31
C SER A 57 -17.90 -8.66 -9.20
N MET A 58 -16.69 -8.12 -9.39
CA MET A 58 -15.60 -8.27 -8.38
C MET A 58 -15.50 -7.10 -7.44
N LEU A 59 -16.37 -6.07 -7.59
CA LEU A 59 -16.26 -4.94 -6.77
C LEU A 59 -16.63 -5.14 -5.30
N PRO A 60 -17.72 -5.84 -4.97
CA PRO A 60 -18.00 -5.96 -3.51
C PRO A 60 -16.85 -6.68 -2.77
N HIS A 61 -16.29 -7.71 -3.40
CA HIS A 61 -15.19 -8.50 -2.80
C HIS A 61 -13.95 -7.66 -2.66
N LEU A 62 -13.55 -7.01 -3.75
CA LEU A 62 -12.34 -6.16 -3.68
C LEU A 62 -12.53 -4.91 -2.85
N ALA A 63 -13.73 -4.33 -2.74
CA ALA A 63 -13.94 -3.20 -1.86
C ALA A 63 -13.82 -3.67 -0.43
N ASP A 64 -14.37 -4.84 -0.15
CA ASP A 64 -14.24 -5.38 1.24
C ASP A 64 -12.77 -5.63 1.58
N LEU A 65 -12.02 -6.23 0.65
CA LEU A 65 -10.56 -6.45 0.78
C LEU A 65 -9.83 -5.15 1.09
N VAL A 66 -10.10 -4.11 0.33
CA VAL A 66 -9.38 -2.85 0.48
C VAL A 66 -9.82 -2.19 1.79
N SER A 67 -11.09 -2.26 2.09
CA SER A 67 -11.62 -1.65 3.31
C SER A 67 -10.97 -2.28 4.55
N TYR A 68 -10.95 -3.61 4.58
CA TYR A 68 -10.24 -4.34 5.64
C TYR A 68 -8.80 -3.92 5.74
N SER A 69 -8.16 -3.79 4.57
CA SER A 69 -6.76 -3.38 4.52
C SER A 69 -6.55 -1.97 5.00
N ILE A 70 -7.46 -1.05 4.69
CA ILE A 70 -7.36 0.30 5.26
C ILE A 70 -7.40 0.24 6.81
N GLN A 71 -8.26 -0.57 7.40
CA GLN A 71 -8.36 -0.73 8.82
C GLN A 71 -7.04 -1.20 9.39
N LYS A 72 -6.44 -2.16 8.72
CA LYS A 72 -5.10 -2.66 9.11
C LYS A 72 -4.00 -1.61 9.06
N VAL A 73 -3.98 -0.83 7.98
CA VAL A 73 -3.08 0.29 7.79
C VAL A 73 -3.25 1.35 8.87
N ILE A 74 -4.49 1.65 9.26
CA ILE A 74 -4.72 2.59 10.40
C ILE A 74 -4.03 2.09 11.68
N GLY A 75 -4.21 0.83 11.96
CA GLY A 75 -3.60 0.19 13.12
C GLY A 75 -2.08 0.17 13.04
N PHE A 76 -1.54 -0.10 11.83
CA PHE A 76 -0.07 -0.06 11.61
C PHE A 76 0.44 1.36 11.87
N ALA A 77 -0.23 2.32 11.27
CA ALA A 77 0.18 3.72 11.36
C ALA A 77 0.23 4.24 12.83
N LYS A 78 -0.73 3.83 13.64
CA LYS A 78 -0.76 4.23 15.05
C LYS A 78 0.41 3.70 15.85
N MET A 79 1.07 2.66 15.35
CA MET A 79 2.25 2.12 15.99
C MET A 79 3.59 2.70 15.49
N ILE A 80 3.58 3.54 14.44
CA ILE A 80 4.80 4.17 13.93
C ILE A 80 5.26 5.11 14.99
N PRO A 81 6.54 4.99 15.41
CA PRO A 81 7.12 5.90 16.40
C PRO A 81 6.96 7.36 15.94
N GLY A 82 6.27 8.16 16.75
CA GLY A 82 6.03 9.57 16.49
C GLY A 82 4.65 9.87 15.91
N PHE A 83 4.01 8.89 15.25
CA PHE A 83 2.75 9.19 14.63
C PHE A 83 1.73 9.76 15.57
N ARG A 84 1.68 9.18 16.78
N ARG A 84 1.55 9.22 16.77
CA ARG A 84 0.84 9.61 17.90
CA ARG A 84 0.51 9.85 17.59
C ARG A 84 1.15 11.01 18.48
C ARG A 84 0.95 11.20 18.19
N ASP A 85 2.21 11.64 18.02
CA ASP A 85 2.54 13.04 18.42
C ASP A 85 1.89 14.03 17.54
N LEU A 86 1.43 13.58 16.38
CA LEU A 86 0.71 14.40 15.48
C LEU A 86 -0.68 14.65 15.97
N THR A 87 -1.21 15.79 15.55
CA THR A 87 -2.62 16.15 15.77
C THR A 87 -3.44 15.09 15.11
N SER A 88 -4.65 14.92 15.64
CA SER A 88 -5.62 14.02 15.01
C SER A 88 -5.93 14.45 13.56
N GLU A 89 -6.13 15.73 13.30
CA GLU A 89 -6.34 16.20 11.96
C GLU A 89 -5.23 15.76 10.94
N ASP A 90 -3.98 15.94 11.32
CA ASP A 90 -2.84 15.56 10.47
C ASP A 90 -2.78 14.06 10.35
N GLN A 91 -3.13 13.35 11.42
CA GLN A 91 -3.12 11.85 11.32
C GLN A 91 -4.02 11.36 10.25
N ILE A 92 -5.23 11.91 10.25
CA ILE A 92 -6.21 11.53 9.28
C ILE A 92 -5.91 11.99 7.86
N VAL A 93 -5.37 13.20 7.69
CA VAL A 93 -4.94 13.66 6.37
C VAL A 93 -3.92 12.68 5.84
N LEU A 94 -2.95 12.32 6.65
CA LEU A 94 -1.87 11.39 6.24
C LEU A 94 -2.45 9.98 5.88
N LEU A 95 -3.32 9.48 6.72
CA LEU A 95 -3.96 8.19 6.41
C LEU A 95 -4.75 8.21 5.13
N LYS A 96 -5.63 9.19 4.97
CA LYS A 96 -6.48 9.19 3.80
C LYS A 96 -5.67 9.34 2.53
N SER A 97 -4.62 10.14 2.57
CA SER A 97 -3.84 10.33 1.34
C SER A 97 -2.88 9.21 1.00
N SER A 98 -2.45 8.41 1.98
CA SER A 98 -1.51 7.35 1.76
C SER A 98 -2.17 5.98 1.63
N ALA A 99 -3.43 5.87 2.04
CA ALA A 99 -4.10 4.57 2.09
C ALA A 99 -3.88 3.71 0.87
N ILE A 100 -4.22 4.23 -0.31
CA ILE A 100 -4.14 3.39 -1.50
C ILE A 100 -2.67 3.02 -1.79
N GLU A 101 -1.76 3.96 -1.52
CA GLU A 101 -0.32 3.68 -1.69
C GLU A 101 0.20 2.55 -0.78
N VAL A 102 -0.18 2.59 0.52
CA VAL A 102 0.24 1.59 1.47
C VAL A 102 -0.36 0.25 1.12
N ILE A 103 -1.59 0.27 0.61
CA ILE A 103 -2.20 -0.95 0.13
C ILE A 103 -1.43 -1.54 -1.05
N MET A 104 -1.05 -0.69 -1.97
CA MET A 104 -0.30 -1.17 -3.15
C MET A 104 1.04 -1.72 -2.65
N LEU A 105 1.71 -1.05 -1.70
CA LEU A 105 3.03 -1.57 -1.18
C LEU A 105 2.89 -2.88 -0.41
N ARG A 106 1.91 -2.95 0.51
CA ARG A 106 1.75 -4.14 1.35
C ARG A 106 1.25 -5.36 0.56
N SER A 107 0.61 -5.10 -0.61
CA SER A 107 0.10 -6.14 -1.51
C SER A 107 1.24 -6.91 -2.17
N ASN A 108 2.44 -6.34 -2.13
CA ASN A 108 3.61 -6.98 -2.75
C ASN A 108 3.87 -8.31 -2.07
N GLU A 109 3.44 -8.43 -0.80
CA GLU A 109 3.73 -9.69 -0.08
C GLU A 109 2.93 -10.84 -0.70
N SER A 110 1.75 -10.57 -1.23
CA SER A 110 0.97 -11.63 -1.90
C SER A 110 1.16 -11.71 -3.40
N PHE A 111 1.79 -10.71 -3.93
CA PHE A 111 2.10 -10.69 -5.37
C PHE A 111 3.16 -11.74 -5.62
N THR A 112 2.98 -12.50 -6.68
CA THR A 112 3.93 -13.57 -7.11
C THR A 112 4.30 -13.41 -8.62
N MET A 113 5.57 -13.48 -8.88
CA MET A 113 6.13 -13.49 -10.24
C MET A 113 5.97 -14.84 -10.89
N ASP A 114 5.51 -15.84 -10.14
CA ASP A 114 5.10 -17.13 -10.71
C ASP A 114 4.16 -16.97 -11.89
N ASP A 115 3.17 -16.10 -11.72
CA ASP A 115 2.16 -15.90 -12.72
C ASP A 115 1.58 -14.48 -12.69
N MET A 116 2.31 -13.55 -12.05
CA MET A 116 1.98 -12.13 -12.09
C MET A 116 0.58 -11.87 -11.55
N SER A 117 0.30 -12.43 -10.39
CA SER A 117 -0.99 -12.30 -9.72
C SER A 117 -0.74 -12.03 -8.26
N TRP A 118 -1.78 -11.59 -7.56
CA TRP A 118 -1.80 -11.57 -6.15
C TRP A 118 -2.46 -12.85 -5.69
N THR A 119 -1.70 -13.75 -5.09
CA THR A 119 -2.24 -15.06 -4.74
C THR A 119 -2.38 -15.15 -3.23
N CYS A 120 -3.62 -15.12 -2.74
CA CYS A 120 -3.86 -15.12 -1.28
C CYS A 120 -4.37 -16.47 -0.76
N GLY A 121 -3.57 -17.50 -1.03
CA GLY A 121 -3.72 -18.85 -0.45
C GLY A 121 -4.68 -19.84 -1.13
N ASN A 122 -5.22 -19.50 -2.32
CA ASN A 122 -6.29 -20.33 -2.93
C ASN A 122 -6.86 -19.65 -4.18
N GLN A 123 -7.40 -20.45 -5.10
CA GLN A 123 -7.73 -19.93 -6.40
C GLN A 123 -8.93 -18.99 -6.41
N ASP A 124 -9.84 -19.11 -5.44
CA ASP A 124 -10.92 -18.10 -5.20
C ASP A 124 -10.32 -16.71 -4.88
N TYR A 125 -9.22 -16.70 -4.10
CA TYR A 125 -8.53 -15.49 -3.72
C TYR A 125 -7.19 -15.28 -4.49
N LYS A 126 -7.18 -15.61 -5.77
CA LYS A 126 -6.12 -15.20 -6.64
C LYS A 126 -6.68 -14.10 -7.49
N TYR A 127 -5.98 -12.97 -7.48
CA TYR A 127 -6.34 -11.81 -8.25
C TYR A 127 -5.41 -11.53 -9.34
N ARG A 128 -5.96 -11.49 -10.53
CA ARG A 128 -5.28 -11.13 -11.77
C ARG A 128 -5.77 -9.86 -12.37
N VAL A 129 -5.07 -9.38 -13.41
CA VAL A 129 -5.45 -8.17 -14.12
C VAL A 129 -6.98 -8.19 -14.43
N SER A 130 -7.43 -9.31 -14.93
CA SER A 130 -8.80 -9.46 -15.33
C SER A 130 -9.79 -9.26 -14.18
N ASP A 131 -9.38 -9.62 -12.97
CA ASP A 131 -10.30 -9.47 -11.82
C ASP A 131 -10.43 -8.01 -11.44
N VAL A 132 -9.36 -7.24 -11.68
CA VAL A 132 -9.36 -5.80 -11.38
C VAL A 132 -10.21 -5.04 -12.39
N THR A 133 -10.19 -5.51 -13.63
CA THR A 133 -11.04 -4.89 -14.63
C THR A 133 -12.52 -5.16 -14.33
N LYS A 134 -12.82 -6.31 -13.76
CA LYS A 134 -14.15 -6.66 -13.33
C LYS A 134 -14.62 -5.92 -12.11
N ALA A 135 -13.76 -5.12 -11.52
CA ALA A 135 -14.16 -4.22 -10.49
C ALA A 135 -14.31 -2.84 -11.01
N GLY A 136 -14.14 -2.62 -12.31
CA GLY A 136 -14.40 -1.32 -12.91
C GLY A 136 -13.23 -0.39 -13.11
N HIS A 137 -12.01 -0.93 -12.92
CA HIS A 137 -10.79 -0.22 -13.26
C HIS A 137 -10.28 -0.58 -14.63
N SER A 138 -9.40 0.27 -15.16
CA SER A 138 -8.89 0.11 -16.51
C SER A 138 -7.42 -0.11 -16.56
N LEU A 139 -6.97 -0.52 -17.76
CA LEU A 139 -5.60 -0.88 -17.94
C LEU A 139 -4.62 0.25 -17.63
N GLU A 140 -5.02 1.52 -17.80
CA GLU A 140 -4.13 2.66 -17.51
C GLU A 140 -3.68 2.68 -16.05
N LEU A 141 -4.47 2.04 -15.17
CA LEU A 141 -4.05 1.85 -13.77
C LEU A 141 -3.41 0.49 -13.54
N ILE A 142 -4.08 -0.57 -14.00
CA ILE A 142 -3.65 -1.94 -13.71
C ILE A 142 -2.26 -2.32 -14.27
N GLU A 143 -1.98 -1.97 -15.52
CA GLU A 143 -0.69 -2.35 -16.10
C GLU A 143 0.50 -1.66 -15.38
N PRO A 144 0.43 -0.36 -15.10
CA PRO A 144 1.48 0.28 -14.35
C PRO A 144 1.59 -0.29 -12.93
N LEU A 145 0.42 -0.70 -12.40
CA LEU A 145 0.39 -1.32 -11.06
C LEU A 145 1.22 -2.64 -11.06
N ILE A 146 1.06 -3.44 -12.06
CA ILE A 146 1.78 -4.71 -12.12
C ILE A 146 3.26 -4.45 -12.34
N LYS A 147 3.57 -3.49 -13.17
CA LYS A 147 5.00 -3.09 -13.41
C LYS A 147 5.66 -2.69 -12.11
N PHE A 148 4.90 -1.93 -11.31
CA PHE A 148 5.33 -1.47 -9.98
C PHE A 148 5.57 -2.65 -9.08
N GLN A 149 4.68 -3.66 -9.09
CA GLN A 149 4.78 -4.79 -8.18
C GLN A 149 6.04 -5.59 -8.56
N VAL A 150 6.23 -5.79 -9.88
CA VAL A 150 7.44 -6.50 -10.32
C VAL A 150 8.74 -5.78 -9.93
N GLY A 151 8.83 -4.47 -10.14
CA GLY A 151 10.02 -3.68 -9.84
C GLY A 151 10.33 -3.75 -8.34
N LEU A 152 9.26 -3.67 -7.54
CA LEU A 152 9.37 -3.81 -6.10
C LEU A 152 9.87 -5.19 -5.65
N LYS A 153 9.34 -6.23 -6.25
CA LYS A 153 9.79 -7.57 -5.94
C LYS A 153 11.23 -7.72 -6.23
N LYS A 154 11.66 -7.15 -7.34
CA LYS A 154 13.01 -7.33 -7.77
C LYS A 154 14.01 -6.56 -6.95
N LEU A 155 13.59 -5.62 -6.11
CA LEU A 155 14.50 -5.05 -5.12
C LEU A 155 14.86 -6.08 -4.04
N ASN A 156 14.08 -7.14 -3.84
CA ASN A 156 14.36 -8.15 -2.82
C ASN A 156 14.55 -7.51 -1.43
N LEU A 157 13.62 -6.65 -1.04
CA LEU A 157 13.71 -6.00 0.25
C LEU A 157 13.67 -6.97 1.42
N HIS A 158 14.47 -6.68 2.43
CA HIS A 158 14.31 -7.32 3.73
C HIS A 158 12.99 -6.82 4.33
N GLU A 159 12.46 -7.56 5.28
CA GLU A 159 11.20 -7.18 5.86
C GLU A 159 11.33 -5.88 6.60
N GLU A 160 12.54 -5.66 7.13
CA GLU A 160 12.87 -4.40 7.73
C GLU A 160 12.74 -3.19 6.79
N GLU A 161 13.24 -3.32 5.57
CA GLU A 161 13.17 -2.25 4.61
C GLU A 161 11.70 -2.05 4.15
N HIS A 162 11.01 -3.18 4.00
CA HIS A 162 9.62 -3.13 3.57
C HIS A 162 8.76 -2.37 4.57
N VAL A 163 8.84 -2.70 5.84
CA VAL A 163 8.06 -1.93 6.87
C VAL A 163 8.49 -0.47 7.05
N LEU A 164 9.79 -0.20 6.95
CA LEU A 164 10.25 1.18 6.97
C LEU A 164 9.69 1.97 5.78
N LEU A 165 9.68 1.33 4.62
CA LEU A 165 9.13 1.99 3.42
C LEU A 165 7.67 2.35 3.55
N MET A 166 6.86 1.45 4.08
CA MET A 166 5.43 1.72 4.36
C MET A 166 5.26 2.86 5.34
N ALA A 167 6.07 2.85 6.38
CA ALA A 167 6.00 3.95 7.36
C ALA A 167 6.39 5.30 6.78
N ILE A 168 7.45 5.29 5.99
CA ILE A 168 7.91 6.49 5.31
C ILE A 168 6.84 7.06 4.35
N CYS A 169 6.18 6.18 3.62
CA CYS A 169 5.06 6.53 2.79
C CYS A 169 3.95 7.26 3.53
N ILE A 170 3.57 6.75 4.69
CA ILE A 170 2.46 7.31 5.48
C ILE A 170 2.83 8.68 6.03
N VAL A 171 4.01 8.78 6.59
CA VAL A 171 4.44 10.04 7.27
C VAL A 171 5.13 10.93 6.26
N SER A 172 4.40 11.39 5.26
CA SER A 172 5.04 12.21 4.18
C SER A 172 4.62 13.65 4.39
N PRO A 173 5.56 14.59 4.49
CA PRO A 173 5.20 15.96 4.84
C PRO A 173 4.56 16.76 3.68
N ASP A 174 4.64 16.27 2.45
CA ASP A 174 4.10 16.99 1.27
C ASP A 174 2.68 16.67 0.81
N ARG A 175 1.91 16.00 1.65
CA ARG A 175 0.54 15.71 1.34
C ARG A 175 -0.32 16.97 1.43
N PRO A 176 -1.24 17.16 0.52
CA PRO A 176 -2.08 18.35 0.60
C PRO A 176 -2.90 18.40 1.88
N GLY A 177 -2.94 19.57 2.52
CA GLY A 177 -3.78 19.79 3.73
C GLY A 177 -3.12 19.54 5.06
N VAL A 178 -1.86 19.14 5.09
CA VAL A 178 -1.21 18.88 6.38
C VAL A 178 -0.94 20.23 7.04
N GLN A 179 -1.03 20.32 8.35
CA GLN A 179 -0.74 21.56 9.01
C GLN A 179 0.69 21.58 9.52
N ASP A 180 1.11 20.62 10.32
CA ASP A 180 2.48 20.68 10.87
C ASP A 180 3.45 19.89 10.03
N ALA A 181 3.80 20.43 8.88
CA ALA A 181 4.69 19.75 7.95
C ALA A 181 6.02 19.50 8.63
N ALA A 182 6.50 20.45 9.49
CA ALA A 182 7.81 20.26 10.11
C ALA A 182 7.89 19.06 11.00
N LEU A 183 6.85 18.82 11.80
CA LEU A 183 6.82 17.70 12.69
C LEU A 183 6.77 16.41 11.88
N ILE A 184 5.94 16.40 10.87
CA ILE A 184 5.84 15.21 10.01
C ILE A 184 7.18 14.90 9.37
N GLU A 185 7.84 15.93 8.81
CA GLU A 185 9.18 15.77 8.26
C GLU A 185 10.20 15.25 9.28
N ALA A 186 10.08 15.68 10.52
CA ALA A 186 11.02 15.19 11.56
C ALA A 186 10.81 13.68 11.81
N ILE A 187 9.55 13.29 11.91
CA ILE A 187 9.15 11.87 12.04
C ILE A 187 9.65 11.07 10.86
N GLN A 188 9.43 11.61 9.66
CA GLN A 188 9.90 10.93 8.45
C GLN A 188 11.39 10.81 8.37
N ASP A 189 12.11 11.88 8.72
CA ASP A 189 13.58 11.84 8.68
C ASP A 189 14.17 10.79 9.60
N ARG A 190 13.58 10.62 10.79
CA ARG A 190 14.02 9.62 11.77
C ARG A 190 13.92 8.21 11.14
N LEU A 191 12.82 8.00 10.43
CA LEU A 191 12.60 6.75 9.71
C LEU A 191 13.54 6.57 8.49
N SER A 192 13.70 7.61 7.69
CA SER A 192 14.56 7.61 6.52
C SER A 192 16.00 7.37 6.91
N ASN A 193 16.43 8.04 7.98
CA ASN A 193 17.78 7.82 8.55
C ASN A 193 17.99 6.36 9.00
N THR A 194 16.97 5.79 9.66
CA THR A 194 17.01 4.39 10.08
C THR A 194 17.13 3.48 8.86
N LEU A 195 16.34 3.74 7.80
CA LEU A 195 16.42 2.94 6.57
C LEU A 195 17.79 3.06 5.87
N GLN A 196 18.26 4.29 5.72
CA GLN A 196 19.60 4.48 5.08
C GLN A 196 20.69 3.74 5.82
N THR A 197 20.66 3.85 7.14
CA THR A 197 21.66 3.21 8.04
C THR A 197 21.57 1.69 7.91
N TYR A 198 20.34 1.17 8.06
CA TYR A 198 20.04 -0.27 7.81
C TYR A 198 20.64 -0.85 6.55
N ILE A 199 20.35 -0.25 5.40
CA ILE A 199 20.78 -0.72 4.11
C ILE A 199 22.32 -0.82 4.09
N ARG A 200 22.95 0.21 4.62
CA ARG A 200 24.42 0.29 4.67
C ARG A 200 25.10 -0.70 5.62
N CYS A 201 24.52 -1.01 6.76
CA CYS A 201 25.11 -2.05 7.66
C CYS A 201 24.66 -3.40 7.40
N ARG A 202 23.43 -3.54 6.89
CA ARG A 202 22.78 -4.89 6.94
C ARG A 202 22.44 -5.48 5.61
N HIS A 203 22.41 -4.71 4.55
CA HIS A 203 21.97 -5.26 3.28
C HIS A 203 23.22 -5.61 2.49
N PRO A 204 23.45 -6.88 2.17
CA PRO A 204 24.70 -7.20 1.44
C PRO A 204 24.58 -6.91 -0.11
N PRO A 205 25.66 -6.95 -0.91
CA PRO A 205 27.08 -7.05 -0.87
C PRO A 205 27.84 -6.25 0.21
N PRO A 206 27.78 -4.88 0.25
CA PRO A 206 27.08 -3.89 -0.55
C PRO A 206 27.98 -3.04 -1.51
N GLY A 207 27.69 -3.14 -2.80
CA GLY A 207 27.89 -2.03 -3.71
C GLY A 207 26.61 -1.23 -3.66
N SER A 208 25.47 -1.95 -3.54
CA SER A 208 24.07 -1.38 -3.61
C SER A 208 23.66 -0.44 -2.47
N HIS A 209 24.52 0.59 -2.22
CA HIS A 209 24.03 1.89 -1.77
C HIS A 209 23.39 2.61 -3.01
N LEU A 210 22.94 1.83 -4.00
CA LEU A 210 21.90 2.24 -4.92
C LEU A 210 20.48 2.01 -4.35
N LEU A 211 20.36 1.18 -3.34
CA LEU A 211 18.98 0.72 -2.99
C LEU A 211 18.13 1.78 -2.39
N TYR A 212 18.72 2.69 -1.62
CA TYR A 212 17.91 3.69 -0.98
C TYR A 212 17.26 4.59 -2.06
N ALA A 213 18.05 4.99 -3.07
CA ALA A 213 17.49 5.78 -4.16
C ALA A 213 16.38 5.07 -4.94
N LYS A 214 16.59 3.77 -5.16
CA LYS A 214 15.62 2.92 -5.78
C LYS A 214 14.26 2.91 -5.01
N MET A 215 14.39 2.84 -3.69
CA MET A 215 13.21 2.83 -2.75
C MET A 215 12.49 4.16 -2.82
N ILE A 216 13.23 5.24 -2.75
CA ILE A 216 12.65 6.55 -2.91
C ILE A 216 11.97 6.72 -4.27
N GLN A 217 12.52 6.19 -5.36
CA GLN A 217 11.88 6.30 -6.65
C GLN A 217 10.51 5.49 -6.65
N LYS A 218 10.44 4.41 -5.87
CA LYS A 218 9.16 3.71 -5.70
C LYS A 218 8.11 4.58 -5.05
N LEU A 219 8.51 5.43 -4.10
CA LEU A 219 7.57 6.32 -3.48
C LEU A 219 7.01 7.29 -4.51
N ALA A 220 7.86 7.79 -5.39
CA ALA A 220 7.44 8.69 -6.50
C ALA A 220 6.48 8.00 -7.44
N ASP A 221 6.75 6.72 -7.74
CA ASP A 221 5.89 5.94 -8.59
C ASP A 221 4.49 5.78 -7.92
N LEU A 222 4.48 5.54 -6.61
CA LEU A 222 3.22 5.38 -5.91
C LEU A 222 2.35 6.63 -6.01
N ARG A 223 2.95 7.83 -5.92
CA ARG A 223 2.21 9.05 -6.18
C ARG A 223 1.47 9.06 -7.48
N SER A 224 2.11 8.56 -8.55
CA SER A 224 1.46 8.47 -9.87
C SER A 224 0.33 7.50 -9.89
N LEU A 225 0.54 6.37 -9.21
CA LEU A 225 -0.52 5.37 -9.13
C LEU A 225 -1.70 5.91 -8.34
N ASN A 226 -1.43 6.67 -7.30
CA ASN A 226 -2.44 7.21 -6.43
C ASN A 226 -3.31 8.18 -7.30
N GLU A 227 -2.73 9.12 -8.05
N GLU A 227 -2.67 9.10 -8.00
CA GLU A 227 -3.56 10.01 -8.88
CA GLU A 227 -3.32 10.01 -8.95
C GLU A 227 -4.36 9.29 -9.95
C GLU A 227 -4.25 9.35 -9.95
N GLU A 228 -3.79 8.28 -10.59
CA GLU A 228 -4.53 7.53 -11.52
C GLU A 228 -5.67 6.76 -10.85
N HIS A 229 -5.41 6.16 -9.70
CA HIS A 229 -6.50 5.53 -8.97
C HIS A 229 -7.62 6.49 -8.64
N SER A 230 -7.26 7.68 -8.20
CA SER A 230 -8.24 8.66 -7.84
C SER A 230 -9.11 9.05 -9.02
N LYS A 231 -8.47 9.23 -10.17
CA LYS A 231 -9.27 9.54 -11.39
C LYS A 231 -10.26 8.45 -11.77
N GLN A 232 -9.83 7.20 -11.65
CA GLN A 232 -10.66 6.09 -12.00
C GLN A 232 -11.77 5.81 -10.97
N TYR A 233 -11.49 6.06 -9.71
CA TYR A 233 -12.45 5.89 -8.68
C TYR A 233 -13.60 6.89 -8.91
N ARG A 234 -13.22 8.08 -9.35
CA ARG A 234 -14.24 9.11 -9.61
C ARG A 234 -15.20 8.64 -10.71
N CYS A 235 -14.66 8.06 -11.76
CA CYS A 235 -15.45 7.47 -12.87
C CYS A 235 -16.24 6.30 -12.41
N LEU A 236 -15.64 5.43 -11.61
CA LEU A 236 -16.39 4.33 -11.01
C LEU A 236 -17.60 4.79 -10.20
N SER A 237 -17.44 5.87 -9.47
CA SER A 237 -18.45 6.45 -8.57
C SER A 237 -19.69 7.02 -9.33
N PHE A 238 -19.55 7.21 -10.64
CA PHE A 238 -20.68 7.64 -11.52
C PHE A 238 -21.61 6.47 -11.84
N GLN A 239 -21.17 5.23 -11.63
CA GLN A 239 -21.98 4.08 -11.94
C GLN A 239 -23.15 3.99 -10.94
N PRO A 240 -24.41 3.93 -11.44
CA PRO A 240 -25.50 3.94 -10.44
C PRO A 240 -25.43 2.68 -9.55
N GLU A 241 -25.69 2.85 -8.28
CA GLU A 241 -25.69 1.76 -7.25
C GLU A 241 -24.30 1.32 -6.87
N CYS A 242 -23.26 2.05 -7.32
CA CYS A 242 -21.88 1.74 -6.95
C CYS A 242 -21.69 1.74 -5.44
N SER A 243 -22.33 2.70 -4.77
CA SER A 243 -22.05 2.87 -3.34
C SER A 243 -22.31 1.64 -2.47
N MET A 244 -23.38 0.89 -2.81
N MET A 244 -23.35 0.84 -2.75
CA MET A 244 -23.78 -0.41 -2.19
CA MET A 244 -23.64 -0.34 -1.92
C MET A 244 -22.62 -1.38 -2.19
C MET A 244 -22.67 -1.47 -2.21
N LYS A 245 -21.91 -1.36 -3.30
CA LYS A 245 -20.84 -2.27 -3.59
C LYS A 245 -19.53 -1.93 -2.89
N LEU A 246 -19.47 -0.71 -2.34
CA LEU A 246 -18.31 -0.27 -1.60
C LEU A 246 -18.49 -0.52 -0.11
N THR A 247 -17.84 0.26 0.71
CA THR A 247 -18.08 0.29 2.17
C THR A 247 -18.02 1.70 2.67
N PRO A 248 -18.66 2.01 3.85
CA PRO A 248 -18.52 3.36 4.39
C PRO A 248 -17.08 3.88 4.50
N LEU A 249 -16.14 3.06 5.01
CA LEU A 249 -14.80 3.52 5.08
C LEU A 249 -14.21 3.83 3.66
N VAL A 250 -14.42 2.95 2.72
CA VAL A 250 -13.91 3.20 1.31
C VAL A 250 -14.43 4.53 0.74
N LEU A 251 -15.73 4.74 0.92
CA LEU A 251 -16.40 5.93 0.48
C LEU A 251 -15.81 7.21 1.10
N GLU A 252 -15.50 7.15 2.37
CA GLU A 252 -14.90 8.28 3.00
C GLU A 252 -13.45 8.54 2.58
N VAL A 253 -12.69 7.47 2.44
CA VAL A 253 -11.29 7.62 2.11
C VAL A 253 -11.09 8.18 0.68
N PHE A 254 -11.91 7.75 -0.25
CA PHE A 254 -11.70 8.02 -1.68
C PHE A 254 -12.71 9.02 -2.25
N GLY A 255 -13.74 9.32 -1.48
CA GLY A 255 -14.91 10.07 -2.04
C GLY A 255 -14.72 11.57 -2.07
#